data_3SMS
#
_entry.id   3SMS
#
_cell.length_a   99.630
_cell.length_b   99.630
_cell.length_c   69.620
_cell.angle_alpha   90.000
_cell.angle_beta   90.000
_cell.angle_gamma   120.000
#
_symmetry.space_group_name_H-M   'P 31 2 1'
#
loop_
_entity.id
_entity.type
_entity.pdbx_description
1 polymer 'Pantothenate kinase 3'
2 non-polymer "ADENOSINE-5'-DIPHOSPHATE"
3 non-polymer (2R)-N-[3-(heptylamino)-3-oxopropyl]-2,4-dihydroxy-3,3-dimethylbutanamide
4 non-polymer 'UNKNOWN ATOM OR ION'
5 water water
#
_entity_poly.entity_id   1
_entity_poly.type   'polypeptide(L)'
_entity_poly.pdbx_seq_one_letter_code
;MGSSHHHHHHSSGLVPRGSSFPWFGMDIGGTLVKLSYFEPIDITAEEEQEEVESLKSIRKYLTSNVAYGSTGIRDVHLEL
KDLTLFGRRGNLHFIRFPTQDLPTFIQMGRDKNFSTLQTVLCATGGGAYKFEKDFRTIGNLHLHKLDELDCLVKGLLYID
SVSFNGQAECYYFANASEPERCQKMPFNLDDPYPLLVVNIGSGVSILAVHSKDNYKRVTGTSLGGGTFLGLCSLLTGCES
FEEALEMASKGDSTQADKLVRDIYGGDYERFGLPGWAVASSFGNMIYKEKRESVSKEDLARATLVTITNNIGSVARMCAV
NEKINRVVFVGNFLRVNTLSMKLLAYALDYWSKGQLKALFLEHEGYFGAVGALLGLPNFSDD
;
_entity_poly.pdbx_strand_id   A
#
# COMPACT_ATOMS: atom_id res chain seq x y z
N PHE A 21 23.28 -2.39 -18.26
CA PHE A 21 22.13 -1.51 -17.90
C PHE A 21 21.72 -1.67 -16.41
N PRO A 22 20.96 -0.71 -15.86
CA PRO A 22 20.55 -0.74 -14.44
C PRO A 22 19.30 -1.55 -14.21
N TRP A 23 19.19 -2.18 -13.04
CA TRP A 23 18.06 -3.04 -12.72
C TRP A 23 16.90 -2.30 -12.06
N PHE A 24 15.79 -2.24 -12.78
CA PHE A 24 14.57 -1.60 -12.32
C PHE A 24 13.39 -2.56 -12.36
N GLY A 25 12.49 -2.39 -11.41
CA GLY A 25 11.12 -2.86 -11.54
C GLY A 25 10.22 -1.66 -11.33
N MET A 26 9.22 -1.50 -12.18
CA MET A 26 8.38 -0.32 -12.13
C MET A 26 6.94 -0.75 -12.07
N ASP A 27 6.20 -0.22 -11.11
CA ASP A 27 4.75 -0.45 -11.01
C ASP A 27 4.04 0.90 -11.24
N ILE A 28 3.45 1.04 -12.43
CA ILE A 28 2.77 2.27 -12.79
C ILE A 28 1.27 2.17 -12.45
N GLY A 29 0.90 2.69 -11.27
CA GLY A 29 -0.47 2.52 -10.76
C GLY A 29 -1.34 3.69 -11.19
N GLY A 30 -2.59 3.66 -10.75
CA GLY A 30 -3.55 4.71 -11.01
C GLY A 30 -3.25 6.03 -10.33
N THR A 31 -2.49 6.02 -9.24
CA THR A 31 -2.04 7.29 -8.61
C THR A 31 -0.51 7.49 -8.59
N LEU A 32 0.22 6.47 -8.19
CA LEU A 32 1.65 6.58 -7.96
C LEU A 32 2.42 5.57 -8.80
N VAL A 33 3.63 5.96 -9.20
CA VAL A 33 4.61 5.05 -9.79
C VAL A 33 5.51 4.60 -8.67
N LYS A 34 5.71 3.30 -8.57
CA LYS A 34 6.64 2.72 -7.61
C LYS A 34 7.79 2.16 -8.41
N LEU A 35 9.00 2.42 -7.95
CA LEU A 35 10.20 2.08 -8.68
C LEU A 35 11.12 1.43 -7.68
N SER A 36 11.53 0.18 -7.94
CA SER A 36 12.57 -0.48 -7.16
C SER A 36 13.82 -0.54 -8.04
N TYR A 37 14.97 -0.16 -7.46
CA TYR A 37 16.23 -0.14 -8.17
C TYR A 37 17.30 -0.88 -7.37
N PHE A 38 18.04 -1.74 -8.07
CA PHE A 38 19.09 -2.51 -7.45
C PHE A 38 20.41 -1.82 -7.75
N GLU A 39 21.00 -1.22 -6.72
CA GLU A 39 22.32 -0.64 -6.76
C GLU A 39 23.39 -1.71 -6.49
N PRO A 40 24.19 -2.09 -7.50
CA PRO A 40 25.26 -3.07 -7.23
C PRO A 40 26.36 -2.52 -6.33
N ILE A 41 26.80 -3.31 -5.36
CA ILE A 41 27.92 -2.92 -4.50
C ILE A 41 29.17 -3.85 -4.58
N ASP A 42 29.15 -4.83 -5.48
CA ASP A 42 30.31 -5.74 -5.63
C ASP A 42 31.04 -5.53 -6.98
N ILE A 43 31.09 -4.29 -7.47
CA ILE A 43 31.67 -4.05 -8.78
C ILE A 43 33.20 -4.24 -8.72
N THR A 44 33.72 -5.14 -9.56
CA THR A 44 35.17 -5.34 -9.66
C THR A 44 35.82 -4.18 -10.42
N ALA A 45 37.16 -4.13 -10.41
CA ALA A 45 37.90 -3.11 -11.18
C ALA A 45 37.60 -3.18 -12.69
N GLU A 46 37.64 -4.39 -13.24
CA GLU A 46 37.37 -4.63 -14.66
C GLU A 46 35.92 -4.34 -15.03
N GLU A 47 35.05 -4.20 -14.03
CA GLU A 47 33.65 -3.84 -14.26
C GLU A 47 33.42 -2.34 -14.18
N GLU A 48 34.22 -1.62 -13.39
CA GLU A 48 34.08 -0.16 -13.28
C GLU A 48 34.51 0.59 -14.55
N GLN A 49 35.56 0.13 -15.24
CA GLN A 49 35.91 0.66 -16.58
C GLN A 49 34.77 0.32 -17.58
N GLU A 50 34.62 -0.96 -17.91
CA GLU A 50 33.56 -1.46 -18.81
C GLU A 50 32.18 -0.80 -18.68
N GLU A 51 31.87 -0.21 -17.51
CA GLU A 51 30.65 0.58 -17.31
C GLU A 51 30.68 1.88 -18.13
N VAL A 52 29.63 2.15 -18.91
CA VAL A 52 29.61 3.35 -19.77
C VAL A 52 29.19 4.58 -18.95
N GLU A 53 29.57 5.78 -19.41
CA GLU A 53 29.34 7.00 -18.63
C GLU A 53 27.84 7.23 -18.34
N SER A 54 27.00 6.86 -19.30
CA SER A 54 25.55 6.96 -19.14
C SER A 54 25.02 6.13 -17.99
N LEU A 55 25.54 4.92 -17.86
CA LEU A 55 25.17 4.06 -16.74
C LEU A 55 25.68 4.61 -15.40
N LYS A 56 26.94 5.01 -15.36
CA LYS A 56 27.54 5.63 -14.16
C LYS A 56 26.76 6.88 -13.69
N SER A 57 26.20 7.65 -14.63
CA SER A 57 25.55 8.90 -14.26
C SER A 57 24.15 8.66 -13.68
N ILE A 58 23.43 7.66 -14.21
CA ILE A 58 22.15 7.18 -13.66
C ILE A 58 22.33 6.56 -12.27
N ARG A 59 23.30 5.68 -12.13
CA ARG A 59 23.64 5.12 -10.83
C ARG A 59 23.90 6.24 -9.82
N LYS A 60 24.77 7.18 -10.18
CA LYS A 60 25.14 8.26 -9.24
C LYS A 60 23.96 9.23 -8.95
N TYR A 61 23.15 9.52 -9.94
CA TYR A 61 21.98 10.37 -9.74
C TYR A 61 21.00 9.73 -8.76
N LEU A 62 20.72 8.45 -8.95
CA LEU A 62 19.80 7.72 -8.10
C LEU A 62 20.22 7.66 -6.64
N THR A 63 21.50 7.38 -6.41
CA THR A 63 22.03 7.13 -5.07
C THR A 63 22.54 8.37 -4.35
N SER A 64 22.74 9.48 -5.05
CA SER A 64 23.20 10.73 -4.44
C SER A 64 22.09 11.70 -4.12
N ASN A 65 20.88 11.40 -4.54
CA ASN A 65 19.72 12.23 -4.26
C ASN A 65 18.63 11.39 -3.66
N VAL A 66 17.89 11.98 -2.71
CA VAL A 66 16.67 11.40 -2.11
C VAL A 66 15.40 12.11 -2.60
N ALA A 67 15.58 13.25 -3.28
CA ALA A 67 14.49 13.91 -3.98
C ALA A 67 14.87 14.00 -5.44
N TYR A 68 13.99 13.59 -6.34
CA TYR A 68 14.26 13.70 -7.79
C TYR A 68 13.28 14.66 -8.44
N GLY A 69 13.78 15.69 -9.11
CA GLY A 69 12.90 16.73 -9.65
C GLY A 69 12.08 17.30 -8.51
N SER A 70 10.84 17.68 -8.77
CA SER A 70 10.03 18.28 -7.73
C SER A 70 9.11 17.35 -6.96
N THR A 71 8.81 16.17 -7.51
CA THR A 71 7.89 15.22 -6.89
C THR A 71 8.40 13.78 -6.67
N GLY A 72 9.59 13.44 -7.18
CA GLY A 72 10.19 12.12 -6.92
C GLY A 72 10.78 12.00 -5.52
N ILE A 73 10.51 10.88 -4.84
CA ILE A 73 10.94 10.64 -3.47
C ILE A 73 11.56 9.25 -3.34
N ARG A 74 12.75 9.19 -2.75
CA ARG A 74 13.36 7.93 -2.39
C ARG A 74 13.09 7.66 -0.92
N ASP A 75 12.50 6.52 -0.63
CA ASP A 75 12.23 6.15 0.77
C ASP A 75 13.43 5.45 1.38
N VAL A 76 14.41 6.25 1.79
CA VAL A 76 15.69 5.77 2.33
C VAL A 76 15.48 4.77 3.46
N HIS A 77 14.48 5.03 4.33
CA HIS A 77 14.25 4.20 5.53
C HIS A 77 13.89 2.75 5.18
N LEU A 78 13.46 2.51 3.92
CA LEU A 78 13.05 1.16 3.47
C LEU A 78 14.15 0.39 2.76
N GLU A 79 15.29 1.03 2.53
CA GLU A 79 16.39 0.42 1.80
C GLU A 79 16.83 -0.93 2.38
N LEU A 80 16.92 -1.96 1.53
CA LEU A 80 17.47 -3.25 1.93
C LEU A 80 18.94 -3.29 1.56
N LYS A 81 19.80 -3.55 2.53
CA LYS A 81 21.24 -3.46 2.31
C LYS A 81 21.86 -4.84 2.15
N ASP A 82 22.87 -4.92 1.28
CA ASP A 82 23.65 -6.13 1.06
C ASP A 82 22.77 -7.34 0.73
N LEU A 83 21.90 -7.14 -0.23
CA LEU A 83 21.05 -8.20 -0.74
C LEU A 83 21.79 -8.89 -1.88
N THR A 84 21.65 -10.19 -2.00
CA THR A 84 22.15 -10.91 -3.16
C THR A 84 20.96 -11.18 -4.10
N LEU A 85 21.04 -10.62 -5.30
CA LEU A 85 20.00 -10.80 -6.30
C LEU A 85 20.62 -11.15 -7.67
N PHE A 86 20.20 -12.28 -8.23
CA PHE A 86 20.66 -12.78 -9.53
C PHE A 86 22.18 -12.94 -9.53
N GLY A 87 22.73 -13.44 -8.43
CA GLY A 87 24.18 -13.65 -8.31
C GLY A 87 25.02 -12.45 -7.88
N ARG A 88 24.38 -11.28 -7.66
CA ARG A 88 25.09 -10.04 -7.35
C ARG A 88 24.67 -9.49 -6.00
N ARG A 89 25.64 -8.92 -5.31
CA ARG A 89 25.39 -8.18 -4.07
C ARG A 89 25.04 -6.73 -4.40
N GLY A 90 24.07 -6.18 -3.69
CA GLY A 90 23.66 -4.80 -3.85
C GLY A 90 22.75 -4.30 -2.74
N ASN A 91 22.26 -3.07 -2.92
CA ASN A 91 21.26 -2.50 -2.04
C ASN A 91 19.98 -2.31 -2.85
N LEU A 92 18.82 -2.59 -2.27
CA LEU A 92 17.57 -2.44 -2.99
C LEU A 92 16.90 -1.17 -2.53
N HIS A 93 16.65 -0.26 -3.48
CA HIS A 93 16.09 1.06 -3.21
C HIS A 93 14.63 1.13 -3.65
N PHE A 94 13.90 2.04 -2.99
CA PHE A 94 12.47 2.19 -3.15
C PHE A 94 12.14 3.64 -3.43
N ILE A 95 11.50 3.88 -4.56
CA ILE A 95 11.29 5.23 -5.09
C ILE A 95 9.86 5.35 -5.61
N ARG A 96 9.22 6.47 -5.33
CA ARG A 96 7.87 6.72 -5.81
C ARG A 96 7.73 8.14 -6.35
N PHE A 97 6.79 8.29 -7.27
CA PHE A 97 6.35 9.59 -7.77
C PHE A 97 4.96 9.49 -8.39
N PRO A 98 4.31 10.65 -8.57
CA PRO A 98 2.97 10.57 -9.15
C PRO A 98 2.99 10.08 -10.61
N THR A 99 2.06 9.20 -10.94
CA THR A 99 1.90 8.72 -12.31
C THR A 99 1.76 9.86 -13.31
N GLN A 100 0.92 10.81 -12.99
CA GLN A 100 0.86 12.13 -13.61
C GLN A 100 2.22 12.65 -14.12
N ASP A 101 3.27 12.46 -13.32
CA ASP A 101 4.60 13.00 -13.64
C ASP A 101 5.49 12.04 -14.45
N LEU A 102 4.94 10.95 -14.95
CA LEU A 102 5.74 9.97 -15.69
C LEU A 102 6.43 10.55 -16.95
N PRO A 103 5.79 11.48 -17.69
CA PRO A 103 6.49 12.05 -18.86
C PRO A 103 7.88 12.64 -18.56
N THR A 104 8.04 13.24 -17.39
CA THR A 104 9.34 13.74 -16.98
C THR A 104 10.30 12.59 -16.81
N PHE A 105 9.85 11.48 -16.23
CA PHE A 105 10.74 10.30 -16.08
C PHE A 105 11.24 9.82 -17.44
N ILE A 106 10.36 9.82 -18.43
CA ILE A 106 10.64 9.29 -19.75
C ILE A 106 11.59 10.22 -20.50
N GLN A 107 11.33 11.53 -20.39
CA GLN A 107 12.21 12.57 -20.92
C GLN A 107 13.63 12.37 -20.39
N MET A 108 13.78 12.27 -19.07
CA MET A 108 15.09 11.93 -18.47
C MET A 108 15.73 10.74 -19.19
N GLY A 109 15.01 9.64 -19.27
CA GLY A 109 15.54 8.43 -19.92
C GLY A 109 16.04 8.61 -21.34
N ARG A 110 15.29 9.36 -22.14
CA ARG A 110 15.67 9.55 -23.54
C ARG A 110 16.63 10.72 -23.74
N ASP A 111 16.59 11.74 -22.88
CA ASP A 111 17.48 12.90 -22.97
C ASP A 111 18.90 12.50 -22.59
N THR A 119 18.54 -1.16 -22.28
CA THR A 119 17.95 -1.53 -20.97
C THR A 119 16.66 -2.32 -21.15
N VAL A 120 16.44 -3.29 -20.25
CA VAL A 120 15.18 -4.00 -20.18
C VAL A 120 14.42 -3.40 -19.02
N LEU A 121 13.19 -2.95 -19.28
CA LEU A 121 12.35 -2.40 -18.23
C LEU A 121 11.21 -3.37 -17.99
N CYS A 122 11.20 -3.95 -16.79
CA CYS A 122 10.13 -4.79 -16.33
C CYS A 122 9.11 -3.87 -15.70
N ALA A 123 7.93 -3.85 -16.30
CA ALA A 123 6.93 -2.87 -15.91
C ALA A 123 5.61 -3.58 -15.66
N THR A 124 4.94 -3.19 -14.58
CA THR A 124 3.65 -3.72 -14.20
C THR A 124 2.71 -2.60 -13.84
N GLY A 125 1.53 -2.94 -13.33
CA GLY A 125 0.46 -1.97 -13.10
C GLY A 125 -0.18 -1.58 -14.44
N GLY A 126 -1.29 -0.84 -14.35
CA GLY A 126 -2.04 -0.40 -15.51
C GLY A 126 -1.25 0.41 -16.52
N GLY A 127 -0.36 1.27 -16.01
CA GLY A 127 0.41 2.17 -16.87
C GLY A 127 1.46 1.47 -17.71
N ALA A 128 1.82 0.23 -17.38
CA ALA A 128 2.67 -0.56 -18.27
C ALA A 128 2.00 -0.70 -19.63
N TYR A 129 0.67 -0.76 -19.64
CA TYR A 129 -0.09 -0.84 -20.89
C TYR A 129 -0.44 0.55 -21.44
N LYS A 130 -1.01 1.38 -20.60
CA LYS A 130 -1.47 2.72 -20.99
C LYS A 130 -0.35 3.55 -21.63
N PHE A 131 0.85 3.47 -21.05
CA PHE A 131 1.96 4.35 -21.42
C PHE A 131 3.04 3.63 -22.21
N GLU A 132 2.68 2.46 -22.76
CA GLU A 132 3.62 1.62 -23.53
C GLU A 132 4.24 2.38 -24.69
N LYS A 133 3.40 3.07 -25.43
CA LYS A 133 3.89 3.88 -26.55
C LYS A 133 4.88 4.96 -26.11
N ASP A 134 4.69 5.47 -24.89
CA ASP A 134 5.53 6.52 -24.38
C ASP A 134 6.89 5.94 -23.99
N PHE A 135 6.89 4.76 -23.38
CA PHE A 135 8.15 4.09 -23.08
C PHE A 135 8.95 3.82 -24.32
N ARG A 136 8.27 3.48 -25.42
CA ARG A 136 8.95 3.15 -26.68
C ARG A 136 9.66 4.35 -27.33
N THR A 137 9.36 5.58 -26.87
CA THR A 137 10.12 6.75 -27.35
C THR A 137 11.56 6.71 -26.84
N ILE A 138 11.84 5.94 -25.79
CA ILE A 138 13.23 5.71 -25.37
C ILE A 138 13.87 4.70 -26.36
N GLY A 139 14.73 5.20 -27.24
CA GLY A 139 15.24 4.43 -28.38
C GLY A 139 15.47 2.92 -28.26
N ASN A 140 16.38 2.51 -27.38
CA ASN A 140 16.73 1.09 -27.30
C ASN A 140 16.26 0.51 -25.95
N LEU A 141 14.96 0.67 -25.71
CA LEU A 141 14.32 0.17 -24.48
C LEU A 141 13.44 -0.99 -24.86
N HIS A 142 13.62 -2.09 -24.15
CA HIS A 142 12.73 -3.24 -24.26
C HIS A 142 11.80 -3.24 -23.03
N LEU A 143 10.50 -3.05 -23.27
CA LEU A 143 9.50 -3.13 -22.20
C LEU A 143 8.90 -4.53 -22.08
N HIS A 144 8.98 -5.07 -20.87
CA HIS A 144 8.50 -6.41 -20.52
C HIS A 144 7.31 -6.21 -19.56
N LYS A 145 6.08 -6.36 -20.05
CA LYS A 145 4.88 -6.11 -19.24
C LYS A 145 4.57 -7.32 -18.38
N LEU A 146 4.27 -7.09 -17.11
CA LEU A 146 3.97 -8.15 -16.14
C LEU A 146 2.68 -7.83 -15.41
N ASP A 147 1.99 -8.87 -14.93
CA ASP A 147 0.71 -8.65 -14.29
C ASP A 147 0.82 -8.08 -12.88
N GLU A 148 -0.10 -7.14 -12.60
CA GLU A 148 -0.13 -6.32 -11.38
C GLU A 148 -0.26 -7.14 -10.11
N LEU A 149 -1.14 -8.14 -10.14
CA LEU A 149 -1.39 -8.94 -8.96
C LEU A 149 -0.39 -10.10 -8.85
N ASP A 150 0.05 -10.67 -9.97
CA ASP A 150 1.22 -11.55 -9.98
C ASP A 150 2.44 -10.95 -9.27
N CYS A 151 2.76 -9.70 -9.62
CA CYS A 151 3.94 -9.03 -9.08
C CYS A 151 3.77 -8.72 -7.58
N LEU A 152 2.57 -8.33 -7.18
CA LEU A 152 2.23 -8.07 -5.80
C LEU A 152 2.58 -9.27 -4.94
N VAL A 153 2.09 -10.44 -5.34
CA VAL A 153 2.25 -11.65 -4.56
C VAL A 153 3.72 -12.10 -4.57
N LYS A 154 4.34 -12.08 -5.75
CA LYS A 154 5.76 -12.45 -5.82
C LYS A 154 6.62 -11.51 -4.97
N GLY A 155 6.36 -10.21 -5.06
CA GLY A 155 7.11 -9.21 -4.31
C GLY A 155 6.97 -9.36 -2.80
N LEU A 156 5.73 -9.43 -2.35
CA LEU A 156 5.38 -9.67 -0.93
C LEU A 156 6.11 -10.85 -0.30
N LEU A 157 5.98 -12.01 -0.92
CA LEU A 157 6.61 -13.23 -0.46
C LEU A 157 8.13 -13.11 -0.51
N TYR A 158 8.67 -12.48 -1.55
CA TYR A 158 10.12 -12.30 -1.63
C TYR A 158 10.63 -11.39 -0.51
N ILE A 159 10.00 -10.22 -0.33
CA ILE A 159 10.45 -9.27 0.70
C ILE A 159 10.37 -9.93 2.08
N ASP A 160 9.28 -10.65 2.34
CA ASP A 160 9.18 -11.33 3.62
C ASP A 160 10.30 -12.36 3.83
N SER A 161 10.66 -13.07 2.76
CA SER A 161 11.67 -14.12 2.81
C SER A 161 13.08 -13.57 3.03
N VAL A 162 13.38 -12.35 2.56
CA VAL A 162 14.74 -11.78 2.80
C VAL A 162 14.89 -11.01 4.11
N SER A 163 13.75 -10.60 4.67
CA SER A 163 13.64 -9.81 5.90
C SER A 163 13.97 -8.35 5.63
N PHE A 164 13.56 -7.50 6.58
CA PHE A 164 13.86 -6.07 6.56
C PHE A 164 15.12 -5.85 7.39
N ASN A 165 16.27 -6.17 6.80
CA ASN A 165 17.58 -6.02 7.43
C ASN A 165 17.64 -6.72 8.79
N GLY A 166 17.16 -7.96 8.82
CA GLY A 166 17.15 -8.76 10.05
C GLY A 166 15.86 -8.67 10.84
N GLN A 167 15.10 -7.58 10.65
CA GLN A 167 13.83 -7.42 11.35
C GLN A 167 12.71 -7.96 10.49
N ALA A 168 11.58 -8.24 11.13
CA ALA A 168 10.44 -8.83 10.42
C ALA A 168 9.84 -7.81 9.47
N GLU A 169 9.43 -8.27 8.29
CA GLU A 169 8.75 -7.44 7.31
C GLU A 169 7.30 -7.33 7.68
N CYS A 170 6.76 -8.38 8.30
CA CYS A 170 5.36 -8.43 8.67
C CYS A 170 5.14 -8.09 10.15
N TYR A 171 4.09 -7.33 10.42
CA TYR A 171 3.73 -7.02 11.79
C TYR A 171 2.24 -6.94 12.00
N TYR A 172 1.84 -6.96 13.27
CA TYR A 172 0.44 -6.73 13.66
C TYR A 172 0.33 -5.78 14.84
N PHE A 173 -0.89 -5.54 15.31
CA PHE A 173 -1.04 -4.81 16.56
C PHE A 173 -1.51 -5.76 17.67
N ALA A 174 -0.57 -6.14 18.54
CA ALA A 174 -0.88 -6.88 19.76
C ALA A 174 -1.95 -6.17 20.57
N ASN A 175 -2.85 -6.94 21.17
CA ASN A 175 -3.96 -6.42 21.98
C ASN A 175 -4.69 -5.27 21.30
N ALA A 176 -5.11 -5.50 20.06
CA ALA A 176 -5.67 -4.46 19.19
C ALA A 176 -6.96 -3.82 19.71
N SER A 177 -7.65 -4.53 20.62
CA SER A 177 -8.97 -4.09 21.10
C SER A 177 -8.88 -3.27 22.38
N GLU A 178 -7.65 -3.12 22.91
CA GLU A 178 -7.35 -2.28 24.08
C GLU A 178 -6.35 -1.20 23.66
N PRO A 179 -6.85 0.01 23.36
CA PRO A 179 -6.00 1.02 22.68
C PRO A 179 -4.97 1.80 23.54
N GLU A 180 -4.90 1.54 24.85
CA GLU A 180 -3.75 1.99 25.65
C GLU A 180 -2.69 0.87 25.71
N ARG A 181 -3.04 -0.30 25.20
CA ARG A 181 -2.21 -1.52 25.30
C ARG A 181 -1.73 -1.99 23.91
N CYS A 182 -2.47 -1.59 22.89
CA CYS A 182 -2.22 -1.89 21.50
C CYS A 182 -0.79 -1.53 21.09
N GLN A 183 -0.06 -2.48 20.51
CA GLN A 183 1.34 -2.23 20.14
C GLN A 183 1.74 -2.96 18.87
N LYS A 184 2.37 -2.22 17.95
CA LYS A 184 3.01 -2.85 16.81
C LYS A 184 3.98 -3.94 17.33
N MET A 185 3.77 -5.17 16.86
CA MET A 185 4.65 -6.29 17.13
C MET A 185 4.90 -7.13 15.86
N PRO A 186 6.12 -7.67 15.71
CA PRO A 186 6.48 -8.55 14.60
C PRO A 186 5.64 -9.82 14.47
N PHE A 187 5.31 -10.20 13.26
CA PHE A 187 4.58 -11.43 12.98
C PHE A 187 5.32 -12.29 11.97
N ASN A 188 5.46 -13.58 12.26
CA ASN A 188 6.20 -14.48 11.40
C ASN A 188 5.34 -15.10 10.32
N LEU A 189 5.73 -14.88 9.07
CA LEU A 189 5.00 -15.34 7.88
C LEU A 189 5.67 -16.53 7.15
N ASP A 190 6.41 -17.36 7.87
CA ASP A 190 7.26 -18.35 7.20
C ASP A 190 6.47 -19.46 6.47
N ASP A 191 5.28 -19.79 6.97
CA ASP A 191 4.36 -20.73 6.32
C ASP A 191 3.03 -19.99 6.17
N PRO A 192 2.92 -19.10 5.17
N PRO A 192 2.95 -19.08 5.17
CA PRO A 192 1.82 -18.13 5.22
CA PRO A 192 1.86 -18.14 5.03
C PRO A 192 0.45 -18.70 4.83
C PRO A 192 0.81 -18.58 4.03
N TYR A 193 0.44 -19.74 4.00
N TYR A 193 0.32 -19.81 4.18
CA TYR A 193 -0.78 -20.12 3.30
CA TYR A 193 -0.77 -20.26 3.34
C TYR A 193 -1.78 -20.85 4.21
C TYR A 193 -1.81 -20.95 4.21
N PRO A 194 -3.09 -20.60 4.05
CA PRO A 194 -3.67 -19.56 3.19
C PRO A 194 -3.68 -18.15 3.80
N LEU A 195 -3.48 -17.16 2.95
CA LEU A 195 -3.39 -15.77 3.35
C LEU A 195 -4.38 -14.98 2.53
N LEU A 196 -5.05 -14.02 3.16
CA LEU A 196 -5.87 -13.05 2.42
C LEU A 196 -5.06 -11.79 2.26
N VAL A 197 -4.95 -11.29 1.03
CA VAL A 197 -4.15 -10.11 0.76
C VAL A 197 -5.07 -8.99 0.27
N VAL A 198 -5.11 -7.87 1.00
CA VAL A 198 -5.98 -6.73 0.67
C VAL A 198 -5.08 -5.57 0.19
N ASN A 199 -5.17 -5.26 -1.09
CA ASN A 199 -4.29 -4.26 -1.68
C ASN A 199 -5.05 -2.97 -1.85
N ILE A 200 -4.82 -2.02 -0.95
CA ILE A 200 -5.55 -0.76 -0.91
C ILE A 200 -4.75 0.38 -1.55
N GLY A 201 -5.00 0.58 -2.85
CA GLY A 201 -4.38 1.68 -3.57
C GLY A 201 -5.48 2.64 -3.93
N SER A 202 -5.46 3.14 -5.17
CA SER A 202 -6.53 3.96 -5.70
C SER A 202 -7.82 3.22 -5.46
N GLY A 203 -7.85 1.97 -5.91
CA GLY A 203 -8.92 1.05 -5.59
C GLY A 203 -8.39 -0.14 -4.83
N VAL A 204 -9.23 -1.18 -4.67
CA VAL A 204 -8.89 -2.31 -3.79
C VAL A 204 -9.09 -3.64 -4.50
N SER A 205 -8.08 -4.51 -4.50
CA SER A 205 -8.24 -5.90 -4.92
C SER A 205 -8.01 -6.77 -3.70
N ILE A 206 -8.76 -7.85 -3.55
CA ILE A 206 -8.60 -8.75 -2.41
C ILE A 206 -8.29 -10.14 -2.98
N LEU A 207 -7.12 -10.67 -2.60
CA LEU A 207 -6.65 -11.97 -3.09
C LEU A 207 -6.67 -13.04 -2.00
N ALA A 208 -7.01 -14.28 -2.38
CA ALA A 208 -6.82 -15.43 -1.50
C ALA A 208 -5.63 -16.15 -2.06
N VAL A 209 -4.52 -16.14 -1.34
CA VAL A 209 -3.29 -16.81 -1.77
C VAL A 209 -3.12 -18.19 -1.12
N HIS A 210 -3.22 -19.25 -1.93
CA HIS A 210 -3.21 -20.65 -1.43
C HIS A 210 -1.85 -21.36 -1.55
N SER A 211 -1.03 -20.90 -2.49
CA SER A 211 0.42 -21.21 -2.55
C SER A 211 1.11 -20.12 -3.38
N LYS A 212 2.43 -20.24 -3.59
CA LYS A 212 3.18 -19.21 -4.34
C LYS A 212 2.59 -18.98 -5.75
N ASP A 213 2.19 -20.07 -6.39
CA ASP A 213 1.66 -20.04 -7.76
C ASP A 213 0.11 -20.06 -7.89
N ASN A 214 -0.60 -20.34 -6.79
CA ASN A 214 -2.08 -20.42 -6.82
C ASN A 214 -2.72 -19.37 -5.94
N TYR A 215 -3.34 -18.39 -6.59
CA TYR A 215 -4.15 -17.41 -5.89
C TYR A 215 -5.31 -17.00 -6.80
N LYS A 216 -6.37 -16.51 -6.18
CA LYS A 216 -7.44 -15.86 -6.93
C LYS A 216 -7.72 -14.47 -6.37
N ARG A 217 -8.21 -13.61 -7.25
CA ARG A 217 -8.78 -12.36 -6.84
C ARG A 217 -10.22 -12.66 -6.38
N VAL A 218 -10.47 -12.72 -5.07
CA VAL A 218 -11.82 -13.07 -4.61
C VAL A 218 -12.86 -11.98 -4.90
N THR A 219 -12.46 -10.73 -4.72
CA THR A 219 -13.32 -9.57 -4.94
C THR A 219 -12.45 -8.31 -4.90
N GLY A 220 -13.11 -7.17 -4.95
CA GLY A 220 -12.46 -5.88 -4.83
C GLY A 220 -13.51 -4.87 -4.51
N THR A 221 -13.07 -3.65 -4.29
CA THR A 221 -13.95 -2.51 -4.09
C THR A 221 -13.31 -1.26 -4.73
N SER A 222 -14.15 -0.45 -5.38
CA SER A 222 -13.70 0.81 -5.91
C SER A 222 -13.62 1.89 -4.80
N LEU A 223 -14.08 1.59 -3.59
CA LEU A 223 -14.01 2.58 -2.51
C LEU A 223 -12.70 2.41 -1.77
N GLY A 224 -11.65 3.01 -2.32
CA GLY A 224 -10.30 2.82 -1.83
C GLY A 224 -9.61 4.13 -1.51
N GLY A 225 -8.28 4.12 -1.57
CA GLY A 225 -7.46 5.28 -1.25
C GLY A 225 -7.85 6.50 -2.05
N GLY A 226 -8.22 6.34 -3.30
CA GLY A 226 -8.62 7.46 -4.15
C GLY A 226 -9.91 8.12 -3.71
N THR A 227 -10.78 7.30 -3.11
CA THR A 227 -12.06 7.73 -2.61
C THR A 227 -11.83 8.52 -1.34
N PHE A 228 -10.91 8.04 -0.50
CA PHE A 228 -10.58 8.79 0.70
C PHE A 228 -10.14 10.20 0.36
N LEU A 229 -9.14 10.34 -0.51
CA LEU A 229 -8.56 11.66 -0.72
C LEU A 229 -9.45 12.50 -1.62
N GLY A 230 -10.09 11.84 -2.59
CA GLY A 230 -11.06 12.48 -3.46
C GLY A 230 -12.17 13.15 -2.66
N LEU A 231 -12.85 12.39 -1.80
CA LEU A 231 -13.91 12.98 -0.97
C LEU A 231 -13.37 14.03 0.02
N CYS A 232 -12.25 13.73 0.67
CA CYS A 232 -11.63 14.68 1.61
C CYS A 232 -11.34 16.03 1.00
N SER A 233 -10.69 16.01 -0.15
CA SER A 233 -10.34 17.22 -0.84
C SER A 233 -11.58 18.04 -1.12
N LEU A 234 -12.62 17.36 -1.63
CA LEU A 234 -13.87 18.03 -1.95
C LEU A 234 -14.56 18.56 -0.69
N LEU A 235 -14.48 17.80 0.41
CA LEU A 235 -15.19 18.20 1.64
C LEU A 235 -14.47 19.26 2.48
N THR A 236 -13.13 19.30 2.40
CA THR A 236 -12.31 20.07 3.35
C THR A 236 -11.38 21.10 2.71
N GLY A 237 -11.10 20.96 1.43
CA GLY A 237 -10.15 21.82 0.76
C GLY A 237 -8.72 21.35 0.94
N CYS A 238 -8.49 20.22 1.58
CA CYS A 238 -7.13 19.66 1.65
C CYS A 238 -6.59 19.37 0.24
N GLU A 239 -5.29 19.51 0.04
CA GLU A 239 -4.69 19.37 -1.30
C GLU A 239 -3.62 18.28 -1.39
N SER A 240 -3.56 17.39 -0.39
CA SER A 240 -2.64 16.25 -0.39
C SER A 240 -3.09 15.17 0.58
N PHE A 241 -2.64 13.94 0.33
CA PHE A 241 -2.86 12.82 1.25
C PHE A 241 -2.50 13.18 2.68
N GLU A 242 -1.33 13.77 2.86
CA GLU A 242 -0.78 14.00 4.19
C GLU A 242 -1.58 15.01 4.97
N GLU A 243 -2.04 16.05 4.28
CA GLU A 243 -2.89 17.05 4.89
C GLU A 243 -4.26 16.44 5.28
N ALA A 244 -4.75 15.52 4.45
CA ALA A 244 -6.00 14.83 4.75
C ALA A 244 -5.85 14.02 6.07
N LEU A 245 -4.74 13.30 6.24
CA LEU A 245 -4.53 12.57 7.48
C LEU A 245 -4.41 13.48 8.69
N GLU A 246 -3.73 14.63 8.52
CA GLU A 246 -3.55 15.61 9.59
C GLU A 246 -4.89 16.21 10.08
N MET A 247 -5.75 16.65 9.16
CA MET A 247 -7.12 17.04 9.50
C MET A 247 -7.86 15.93 10.23
N ALA A 248 -7.83 14.74 9.65
CA ALA A 248 -8.44 13.56 10.24
C ALA A 248 -8.01 13.31 11.69
N SER A 249 -6.71 13.46 11.99
CA SER A 249 -6.21 13.23 13.34
C SER A 249 -6.87 14.14 14.39
N LYS A 250 -7.39 15.29 13.95
CA LYS A 250 -7.98 16.27 14.83
C LYS A 250 -9.52 16.16 14.90
N GLY A 251 -10.08 15.24 14.12
CA GLY A 251 -11.51 15.16 13.92
C GLY A 251 -12.20 14.11 14.75
N ASP A 252 -13.51 14.24 14.88
CA ASP A 252 -14.38 13.30 15.61
C ASP A 252 -15.41 12.80 14.61
N SER A 253 -15.26 11.56 14.14
CA SER A 253 -16.15 11.03 13.11
C SER A 253 -17.60 10.86 13.59
N THR A 254 -17.81 10.79 14.90
CA THR A 254 -19.18 10.67 15.45
C THR A 254 -20.00 11.97 15.30
N GLN A 255 -19.35 13.09 14.99
CA GLN A 255 -20.11 14.30 14.62
C GLN A 255 -20.84 14.15 13.26
N ALA A 256 -20.22 13.45 12.31
CA ALA A 256 -20.84 13.28 10.99
C ALA A 256 -21.74 12.04 10.94
N ASP A 257 -21.29 10.96 11.60
CA ASP A 257 -21.88 9.64 11.53
C ASP A 257 -23.04 9.47 12.49
N LYS A 258 -24.08 8.76 12.02
CA LYS A 258 -25.24 8.45 12.84
C LYS A 258 -24.98 7.08 13.43
N LEU A 259 -25.01 6.97 14.75
CA LEU A 259 -24.60 5.75 15.42
C LEU A 259 -25.80 4.90 15.75
N VAL A 260 -25.57 3.63 16.06
CA VAL A 260 -26.66 2.76 16.48
C VAL A 260 -27.39 3.37 17.69
N ARG A 261 -26.65 3.93 18.65
CA ARG A 261 -27.30 4.58 19.80
C ARG A 261 -28.16 5.83 19.44
N ASP A 262 -27.87 6.48 18.31
CA ASP A 262 -28.72 7.57 17.82
C ASP A 262 -30.09 7.07 17.36
N ILE A 263 -30.16 5.81 16.94
CA ILE A 263 -31.39 5.19 16.47
C ILE A 263 -32.13 4.44 17.58
N TYR A 264 -31.35 3.72 18.40
CA TYR A 264 -31.88 2.81 19.43
C TYR A 264 -31.94 3.42 20.83
N GLY A 265 -31.07 4.39 21.11
CA GLY A 265 -30.91 4.94 22.46
C GLY A 265 -30.00 4.05 23.29
N GLY A 266 -29.23 3.21 22.60
CA GLY A 266 -28.39 2.16 23.23
C GLY A 266 -27.99 1.09 22.22
N ASP A 267 -27.68 -0.12 22.74
CA ASP A 267 -27.32 -1.26 21.88
C ASP A 267 -28.58 -1.76 21.15
N TYR A 268 -28.40 -2.31 19.95
CA TYR A 268 -29.42 -3.17 19.33
C TYR A 268 -28.98 -4.60 19.70
N GLU A 269 -29.46 -5.06 20.83
CA GLU A 269 -28.98 -6.28 21.50
C GLU A 269 -29.11 -7.53 20.64
N ARG A 270 -30.31 -7.73 20.10
CA ARG A 270 -30.65 -8.96 19.40
C ARG A 270 -29.57 -9.33 18.38
N PHE A 271 -29.09 -8.38 17.60
CA PHE A 271 -28.10 -8.71 16.59
C PHE A 271 -26.69 -8.21 16.92
N GLY A 272 -26.44 -7.99 18.21
CA GLY A 272 -25.10 -7.67 18.69
C GLY A 272 -24.48 -6.40 18.15
N LEU A 273 -25.28 -5.33 17.98
CA LEU A 273 -24.73 -4.10 17.44
C LEU A 273 -24.67 -3.15 18.61
N PRO A 274 -23.47 -2.91 19.13
CA PRO A 274 -23.34 -2.00 20.27
C PRO A 274 -23.68 -0.57 19.88
N GLY A 275 -24.11 0.23 20.85
CA GLY A 275 -24.59 1.58 20.61
C GLY A 275 -23.58 2.46 19.92
N TRP A 276 -22.30 2.18 20.15
CA TRP A 276 -21.21 2.94 19.54
C TRP A 276 -20.92 2.61 18.07
N ALA A 277 -21.38 1.47 17.55
CA ALA A 277 -21.17 1.17 16.13
C ALA A 277 -21.88 2.19 15.20
N VAL A 278 -21.28 2.45 14.05
CA VAL A 278 -21.86 3.33 13.05
C VAL A 278 -23.04 2.63 12.38
N ALA A 279 -24.20 3.28 12.47
CA ALA A 279 -25.42 2.82 11.80
C ALA A 279 -25.43 3.34 10.35
N SER A 280 -25.17 4.64 10.17
CA SER A 280 -25.19 5.26 8.88
C SER A 280 -24.03 6.24 8.74
N SER A 281 -23.08 5.91 7.88
CA SER A 281 -21.88 6.76 7.69
C SER A 281 -22.31 8.08 7.11
N PHE A 282 -21.86 9.19 7.69
CA PHE A 282 -22.26 10.56 7.33
C PHE A 282 -23.76 10.81 7.53
N GLY A 283 -24.44 9.91 8.23
CA GLY A 283 -25.89 9.96 8.30
C GLY A 283 -26.46 11.14 9.08
N ASN A 284 -25.70 11.72 10.02
CA ASN A 284 -26.18 12.96 10.65
C ASN A 284 -26.04 14.18 9.74
N MET A 285 -25.44 14.01 8.56
CA MET A 285 -25.30 15.16 7.65
C MET A 285 -26.54 15.44 6.79
N ILE A 286 -27.64 14.75 7.06
CA ILE A 286 -28.93 15.05 6.45
C ILE A 286 -29.63 16.22 7.13
N TYR A 287 -29.13 16.64 8.31
CA TYR A 287 -29.75 17.72 9.06
C TYR A 287 -28.94 19.01 8.88
N LYS A 288 -29.60 20.07 8.47
CA LYS A 288 -28.93 21.37 8.21
C LYS A 288 -28.13 21.88 9.40
N GLU A 289 -28.76 21.89 10.56
CA GLU A 289 -28.13 22.24 11.85
C GLU A 289 -26.82 21.49 12.09
N LYS A 290 -26.78 20.20 11.74
CA LYS A 290 -25.59 19.40 11.97
C LYS A 290 -24.51 19.74 10.97
N ARG A 291 -24.92 19.91 9.71
CA ARG A 291 -23.98 20.31 8.65
C ARG A 291 -23.35 21.66 8.95
N GLU A 292 -24.06 22.53 9.67
CA GLU A 292 -23.50 23.84 10.06
C GLU A 292 -22.55 23.80 11.26
N SER A 293 -22.63 22.76 12.09
CA SER A 293 -21.77 22.65 13.27
C SER A 293 -20.57 21.72 13.08
N VAL A 294 -20.56 20.94 11.99
CA VAL A 294 -19.49 20.00 11.75
C VAL A 294 -18.24 20.70 11.22
N SER A 295 -17.09 20.18 11.61
CA SER A 295 -15.81 20.78 11.24
C SER A 295 -15.23 20.02 10.04
N LYS A 296 -14.33 20.66 9.30
CA LYS A 296 -13.55 20.00 8.26
C LYS A 296 -12.80 18.78 8.83
N GLU A 297 -12.18 18.97 9.98
CA GLU A 297 -11.46 17.88 10.65
C GLU A 297 -12.42 16.69 10.91
N ASP A 298 -13.60 16.98 11.44
CA ASP A 298 -14.62 15.92 11.65
C ASP A 298 -14.95 15.16 10.35
N LEU A 299 -15.14 15.91 9.25
CA LEU A 299 -15.45 15.30 7.97
C LEU A 299 -14.27 14.52 7.40
N ALA A 300 -13.04 15.02 7.61
CA ALA A 300 -11.88 14.25 7.15
C ALA A 300 -11.85 12.92 7.91
N ARG A 301 -12.01 12.95 9.22
CA ARG A 301 -11.98 11.71 10.03
C ARG A 301 -13.10 10.74 9.66
N ALA A 302 -14.30 11.28 9.42
CA ALA A 302 -15.43 10.45 9.01
C ALA A 302 -15.16 9.80 7.66
N THR A 303 -14.48 10.52 6.78
CA THR A 303 -14.14 9.96 5.47
C THR A 303 -13.18 8.79 5.68
N LEU A 304 -12.15 8.99 6.50
CA LEU A 304 -11.17 7.95 6.81
C LEU A 304 -11.82 6.71 7.43
N VAL A 305 -12.60 6.95 8.49
CA VAL A 305 -13.33 5.89 9.20
C VAL A 305 -14.26 5.13 8.25
N THR A 306 -14.97 5.84 7.37
CA THR A 306 -15.95 5.20 6.50
C THR A 306 -15.29 4.30 5.45
N ILE A 307 -14.26 4.82 4.81
CA ILE A 307 -13.52 4.06 3.82
C ILE A 307 -12.81 2.85 4.47
N THR A 308 -12.18 3.07 5.61
CA THR A 308 -11.42 2.01 6.26
C THR A 308 -12.32 0.89 6.79
N ASN A 309 -13.38 1.26 7.50
CA ASN A 309 -14.28 0.22 8.02
C ASN A 309 -14.97 -0.55 6.91
N ASN A 310 -15.30 0.11 5.80
CA ASN A 310 -15.96 -0.61 4.72
C ASN A 310 -15.01 -1.69 4.20
N ILE A 311 -13.74 -1.33 4.02
CA ILE A 311 -12.75 -2.26 3.54
C ILE A 311 -12.59 -3.36 4.56
N GLY A 312 -12.47 -3.02 5.85
CA GLY A 312 -12.30 -4.05 6.86
C GLY A 312 -13.48 -5.02 6.87
N SER A 313 -14.66 -4.49 6.63
CA SER A 313 -15.89 -5.28 6.68
C SER A 313 -15.94 -6.30 5.54
N VAL A 314 -15.57 -5.85 4.35
CA VAL A 314 -15.47 -6.74 3.19
C VAL A 314 -14.36 -7.79 3.36
N ALA A 315 -13.19 -7.37 3.84
CA ALA A 315 -12.08 -8.30 4.07
C ALA A 315 -12.48 -9.36 5.08
N ARG A 316 -13.04 -8.90 6.20
CA ARG A 316 -13.53 -9.81 7.22
C ARG A 316 -14.44 -10.87 6.60
N MET A 317 -15.37 -10.44 5.76
CA MET A 317 -16.32 -11.37 5.11
C MET A 317 -15.63 -12.34 4.17
N CYS A 318 -14.70 -11.86 3.34
CA CYS A 318 -13.96 -12.77 2.46
C CYS A 318 -13.11 -13.79 3.27
N ALA A 319 -12.52 -13.34 4.37
CA ALA A 319 -11.70 -14.21 5.21
C ALA A 319 -12.54 -15.35 5.74
N VAL A 320 -13.66 -15.01 6.35
CA VAL A 320 -14.52 -16.04 6.91
C VAL A 320 -14.98 -17.02 5.82
N ASN A 321 -15.36 -16.48 4.67
CA ASN A 321 -15.91 -17.27 3.59
C ASN A 321 -14.81 -18.15 2.93
N GLU A 322 -13.58 -17.63 2.88
CA GLU A 322 -12.46 -18.40 2.32
C GLU A 322 -11.78 -19.30 3.35
N LYS A 323 -12.20 -19.22 4.60
CA LYS A 323 -11.59 -19.97 5.70
C LYS A 323 -10.10 -19.59 5.88
N ILE A 324 -9.83 -18.28 5.89
CA ILE A 324 -8.51 -17.72 6.08
C ILE A 324 -8.54 -16.87 7.36
N ASN A 325 -7.60 -17.07 8.28
CA ASN A 325 -7.62 -16.30 9.55
C ASN A 325 -6.57 -15.19 9.68
N ARG A 326 -5.71 -15.07 8.68
CA ARG A 326 -4.75 -13.98 8.60
CA ARG A 326 -4.74 -13.98 8.60
C ARG A 326 -5.01 -13.12 7.37
N VAL A 327 -5.16 -11.82 7.58
CA VAL A 327 -5.46 -10.88 6.51
C VAL A 327 -4.35 -9.85 6.48
N VAL A 328 -3.58 -9.81 5.39
CA VAL A 328 -2.50 -8.82 5.26
C VAL A 328 -3.03 -7.67 4.41
N PHE A 329 -2.95 -6.44 4.96
CA PHE A 329 -3.35 -5.24 4.24
C PHE A 329 -2.09 -4.54 3.81
N VAL A 330 -2.07 -4.14 2.55
CA VAL A 330 -0.96 -3.45 1.93
C VAL A 330 -1.43 -2.31 1.06
N GLY A 331 -0.49 -1.60 0.44
CA GLY A 331 -0.80 -0.54 -0.49
C GLY A 331 -0.68 0.80 0.19
N ASN A 332 -0.59 1.87 -0.61
CA ASN A 332 -0.24 3.17 -0.04
C ASN A 332 -1.36 3.96 0.65
N PHE A 333 -2.61 3.54 0.54
CA PHE A 333 -3.62 4.07 1.46
C PHE A 333 -3.17 4.02 2.91
N LEU A 334 -2.40 3.00 3.26
CA LEU A 334 -1.96 2.79 4.65
C LEU A 334 -0.59 3.38 4.99
N ARG A 335 0.07 3.95 3.99
CA ARG A 335 1.38 4.56 4.22
CA ARG A 335 1.35 4.61 4.14
C ARG A 335 1.25 5.69 5.21
N VAL A 336 2.16 5.70 6.18
CA VAL A 336 2.12 6.63 7.29
C VAL A 336 0.72 6.89 7.85
N ASN A 337 -0.13 5.87 7.84
CA ASN A 337 -1.52 5.98 8.25
C ASN A 337 -1.85 4.98 9.38
N THR A 338 -1.39 5.32 10.57
CA THR A 338 -1.64 4.47 11.77
C THR A 338 -3.12 4.48 12.14
N LEU A 339 -3.83 5.60 11.96
CA LEU A 339 -5.27 5.62 12.23
C LEU A 339 -5.95 4.45 11.52
N SER A 340 -5.73 4.31 10.22
CA SER A 340 -6.40 3.26 9.44
C SER A 340 -5.91 1.86 9.79
N MET A 341 -4.61 1.71 10.02
CA MET A 341 -4.07 0.39 10.34
C MET A 341 -4.64 -0.12 11.69
N LYS A 342 -4.69 0.75 12.69
CA LYS A 342 -5.19 0.35 14.00
C LYS A 342 -6.70 0.08 13.97
N LEU A 343 -7.43 0.86 13.21
CA LEU A 343 -8.85 0.69 13.05
C LEU A 343 -9.14 -0.66 12.40
N LEU A 344 -8.36 -0.99 11.37
CA LEU A 344 -8.48 -2.30 10.74
C LEU A 344 -8.16 -3.43 11.75
N ALA A 345 -7.08 -3.28 12.49
CA ALA A 345 -6.68 -4.28 13.48
C ALA A 345 -7.76 -4.46 14.56
N TYR A 346 -8.25 -3.33 15.07
CA TYR A 346 -9.35 -3.34 16.04
C TYR A 346 -10.60 -3.99 15.47
N ALA A 347 -11.03 -3.53 14.30
CA ALA A 347 -12.27 -4.03 13.69
C ALA A 347 -12.22 -5.55 13.45
N LEU A 348 -11.16 -6.05 12.83
CA LEU A 348 -11.03 -7.48 12.60
C LEU A 348 -11.01 -8.27 13.92
N ASP A 349 -10.23 -7.80 14.90
CA ASP A 349 -10.12 -8.49 16.18
C ASP A 349 -11.44 -8.44 16.93
N TYR A 350 -12.05 -7.26 17.04
CA TYR A 350 -13.27 -7.13 17.84
C TYR A 350 -14.44 -7.96 17.25
N TRP A 351 -14.77 -7.68 16.00
CA TRP A 351 -15.92 -8.27 15.36
C TRP A 351 -15.79 -9.79 15.14
N SER A 352 -14.58 -10.34 15.18
CA SER A 352 -14.39 -11.77 15.06
C SER A 352 -14.00 -12.42 16.41
N LYS A 353 -13.99 -11.64 17.49
CA LYS A 353 -13.62 -12.14 18.82
C LYS A 353 -12.28 -12.85 18.83
N GLY A 354 -11.28 -12.24 18.20
CA GLY A 354 -9.92 -12.79 18.16
C GLY A 354 -9.62 -13.82 17.08
N GLN A 355 -10.63 -14.27 16.32
CA GLN A 355 -10.40 -15.37 15.37
C GLN A 355 -9.62 -14.88 14.15
N LEU A 356 -9.78 -13.60 13.80
CA LEU A 356 -9.04 -13.02 12.69
C LEU A 356 -7.97 -12.05 13.20
N LYS A 357 -6.81 -12.04 12.54
CA LYS A 357 -5.72 -11.07 12.80
C LYS A 357 -5.44 -10.19 11.58
N ALA A 358 -5.42 -8.87 11.76
CA ALA A 358 -4.92 -7.96 10.75
C ALA A 358 -3.39 -7.90 10.81
N LEU A 359 -2.78 -8.01 9.63
CA LEU A 359 -1.33 -8.02 9.47
C LEU A 359 -1.01 -6.89 8.54
N PHE A 360 0.21 -6.39 8.64
CA PHE A 360 0.72 -5.29 7.81
C PHE A 360 2.17 -5.58 7.45
N LEU A 361 2.69 -4.85 6.48
CA LEU A 361 4.03 -5.12 5.93
C LEU A 361 4.78 -3.81 5.81
N GLU A 362 6.04 -3.85 6.23
CA GLU A 362 6.86 -2.65 6.35
C GLU A 362 7.10 -1.95 5.01
N HIS A 363 7.09 -2.71 3.91
CA HIS A 363 7.33 -2.10 2.58
C HIS A 363 6.09 -1.65 1.84
N GLU A 364 4.95 -1.60 2.55
CA GLU A 364 3.84 -0.71 2.18
C GLU A 364 3.25 -1.04 0.82
N GLY A 365 3.59 -0.23 -0.19
CA GLY A 365 3.01 -0.33 -1.51
C GLY A 365 4.00 -0.68 -2.61
N TYR A 366 5.17 -1.20 -2.23
CA TYR A 366 6.25 -1.39 -3.19
C TYR A 366 6.37 -2.79 -3.80
N PHE A 367 5.51 -3.72 -3.35
CA PHE A 367 5.62 -5.15 -3.68
C PHE A 367 5.55 -5.46 -5.19
N GLY A 368 4.66 -4.75 -5.90
CA GLY A 368 4.49 -4.95 -7.34
C GLY A 368 5.76 -4.60 -8.10
N ALA A 369 6.34 -3.47 -7.72
CA ALA A 369 7.60 -3.02 -8.31
C ALA A 369 8.73 -4.04 -8.10
N VAL A 370 8.79 -4.62 -6.90
CA VAL A 370 9.77 -5.68 -6.62
C VAL A 370 9.47 -6.92 -7.47
N GLY A 371 8.19 -7.29 -7.51
CA GLY A 371 7.78 -8.41 -8.32
C GLY A 371 8.15 -8.26 -9.79
N ALA A 372 7.97 -7.05 -10.34
CA ALA A 372 8.39 -6.75 -11.70
C ALA A 372 9.89 -6.96 -11.86
N LEU A 373 10.66 -6.43 -10.90
CA LEU A 373 12.11 -6.56 -10.95
C LEU A 373 12.52 -8.05 -10.98
N LEU A 374 11.81 -8.87 -10.20
CA LEU A 374 12.11 -10.29 -10.13
C LEU A 374 11.85 -11.05 -11.43
N GLY A 375 11.05 -10.46 -12.32
CA GLY A 375 10.84 -11.01 -13.69
C GLY A 375 11.95 -10.83 -14.73
N LEU A 376 13.00 -10.08 -14.39
CA LEU A 376 14.08 -9.71 -15.33
C LEU A 376 14.80 -10.85 -16.09
N PRO A 377 15.15 -11.96 -15.42
CA PRO A 377 15.88 -13.03 -16.12
C PRO A 377 15.03 -13.84 -17.13
N ASN A 378 13.73 -13.54 -17.22
CA ASN A 378 12.82 -14.19 -18.16
C ASN A 378 12.57 -13.37 -19.44
#